data_5YDR
#
_entry.id   5YDR
#
_cell.length_a   131.760
_cell.length_b   131.760
_cell.length_c   61.025
_cell.angle_alpha   90.000
_cell.angle_beta   90.000
_cell.angle_gamma   120.000
#
_symmetry.space_group_name_H-M   'P 65'
#
loop_
_entity.id
_entity.type
_entity.pdbx_description
1 polymer Polyubiquitin-B
2 polymer 'DNA (cytosine-5)-methyltransferase 1'
3 non-polymer 'PHOSPHATE ION'
4 non-polymer 'ZINC ION'
5 water water
#
loop_
_entity_poly.entity_id
_entity_poly.type
_entity_poly.pdbx_seq_one_letter_code
_entity_poly.pdbx_strand_id
1 'polypeptide(L)' AHMQIFVKTLTGKTITLEVEPSDTIENVKAKIQDKEGIPPDQQRLIFAGKQLEDGRTLSDYNIQKESTLHLVLRL A,D
2 'polypeptide(L)'
;MPKCIQCGQYLDDPDLKYGQHPPDAVDEPQMLTNEKLSIFDANESGFESYEALPQHKLTCFSVYCKHGHLCPIDTGLIEK
NIELFFSGSAKPIYDDDPSLEGGVNGKNLGPINEWWITGFDGGEKALIGFSTSFAEYILMDPSPEYAPIFGLMQEKIYIS
KIVVEFLQSNSDSTYEDLINKIETTVPPSGLNLNRFTEDSLLRHAQFVVEQVESYDEAGDSDEQPIFLTPCMRDLIKLAG
VTLGQRRAQA
;
B
#
loop_
_chem_comp.id
_chem_comp.type
_chem_comp.name
_chem_comp.formula
PO4 non-polymer 'PHOSPHATE ION' 'O4 P -3'
ZN non-polymer 'ZINC ION' 'Zn 2'
#
# COMPACT_ATOMS: atom_id res chain seq x y z
N ALA A 1 7.58 -29.43 32.81
CA ALA A 1 7.20 -28.06 33.11
C ALA A 1 7.12 -27.21 31.83
N HIS A 2 8.14 -27.34 30.99
CA HIS A 2 8.18 -26.57 29.75
C HIS A 2 7.25 -27.13 28.68
N MET A 3 7.05 -26.28 27.69
CA MET A 3 5.93 -26.36 26.77
C MET A 3 6.40 -25.70 25.48
N GLN A 4 6.08 -26.29 24.33
CA GLN A 4 6.52 -25.69 23.08
C GLN A 4 5.37 -24.88 22.48
N ILE A 5 5.68 -23.67 22.02
CA ILE A 5 4.70 -22.86 21.31
C ILE A 5 5.30 -22.29 20.03
N PHE A 6 4.42 -21.72 19.20
CA PHE A 6 4.83 -21.15 17.94
C PHE A 6 4.49 -19.67 17.84
N VAL A 7 5.38 -18.91 17.23
CA VAL A 7 5.13 -17.50 16.99
C VAL A 7 5.17 -17.22 15.50
N LYS A 8 4.01 -16.97 14.92
CA LYS A 8 3.90 -16.72 13.49
C LYS A 8 3.98 -15.22 13.22
N THR A 9 4.95 -14.80 12.42
CA THR A 9 5.16 -13.40 12.07
C THR A 9 4.35 -12.99 10.83
N LEU A 10 4.43 -11.72 10.45
CA LEU A 10 3.77 -11.28 9.22
C LEU A 10 4.77 -11.25 8.06
N THR A 11 5.91 -11.88 8.27
CA THR A 11 6.97 -11.91 7.25
C THR A 11 7.11 -13.30 6.65
N GLY A 12 6.22 -14.19 7.01
CA GLY A 12 6.29 -15.55 6.52
C GLY A 12 7.31 -16.39 7.27
N LYS A 13 7.63 -15.99 8.49
CA LYS A 13 8.47 -16.82 9.36
C LYS A 13 7.66 -17.35 10.53
N THR A 14 7.82 -18.63 10.83
CA THR A 14 7.27 -19.20 12.05
C THR A 14 8.41 -19.54 13.01
N ILE A 15 8.27 -19.05 14.23
CA ILE A 15 9.28 -19.17 15.28
C ILE A 15 8.78 -20.23 16.24
N THR A 16 9.68 -20.98 16.85
CA THR A 16 9.19 -21.93 17.85
C THR A 16 9.95 -21.73 19.16
N LEU A 17 9.24 -21.83 20.27
CA LEU A 17 9.78 -21.50 21.57
C LEU A 17 9.42 -22.52 22.63
N GLU A 18 10.32 -22.70 23.60
CA GLU A 18 9.97 -23.40 24.84
C GLU A 18 9.69 -22.41 25.96
N VAL A 19 8.51 -22.53 26.55
CA VAL A 19 8.05 -21.60 27.55
C VAL A 19 7.39 -22.37 28.66
N GLU A 20 7.21 -21.71 29.79
CA GLU A 20 6.42 -22.27 30.87
C GLU A 20 5.15 -21.46 30.95
N PRO A 21 4.03 -22.11 31.31
CA PRO A 21 2.76 -21.38 31.37
C PRO A 21 2.74 -20.31 32.45
N SER A 22 3.76 -20.26 33.30
CA SER A 22 3.88 -19.20 34.29
C SER A 22 4.65 -18.02 33.70
N ASP A 23 5.22 -18.20 32.51
CA ASP A 23 5.94 -17.10 31.88
C ASP A 23 4.98 -15.96 31.57
N THR A 24 5.45 -14.74 31.74
CA THR A 24 4.64 -13.58 31.38
C THR A 24 4.76 -13.32 29.89
N ILE A 25 3.80 -12.58 29.35
CA ILE A 25 3.91 -12.09 27.98
C ILE A 25 5.23 -11.38 27.83
N GLU A 26 5.58 -10.60 28.84
CA GLU A 26 6.83 -9.83 28.79
C GLU A 26 8.04 -10.76 28.62
N ASN A 27 8.00 -11.92 29.27
CA ASN A 27 9.08 -12.91 29.16
C ASN A 27 9.19 -13.48 27.75
N VAL A 28 8.05 -13.86 27.19
CA VAL A 28 7.97 -14.36 25.83
C VAL A 28 8.57 -13.36 24.83
N LYS A 29 8.19 -12.10 24.94
CA LYS A 29 8.78 -11.07 24.08
C LYS A 29 10.28 -10.99 24.26
N ALA A 30 10.74 -11.16 25.50
CA ALA A 30 12.16 -11.15 25.78
C ALA A 30 12.84 -12.32 25.05
N LYS A 31 12.23 -13.49 25.10
CA LYS A 31 12.74 -14.64 24.34
C LYS A 31 12.76 -14.33 22.85
N ILE A 32 11.71 -13.68 22.36
CA ILE A 32 11.62 -13.35 20.96
C ILE A 32 12.79 -12.43 20.57
N GLN A 33 13.14 -11.50 21.46
CA GLN A 33 14.26 -10.61 21.23
C GLN A 33 15.59 -11.36 21.09
N ASP A 34 15.84 -12.27 22.03
CA ASP A 34 17.07 -13.05 22.06
C ASP A 34 17.26 -13.82 20.76
N LYS A 35 16.17 -14.39 20.28
CA LYS A 35 16.23 -15.32 19.18
C LYS A 35 16.15 -14.61 17.82
N GLU A 36 15.44 -13.49 17.76
CA GLU A 36 15.14 -12.85 16.48
C GLU A 36 15.69 -11.44 16.35
N GLY A 37 16.06 -10.85 17.49
CA GLY A 37 16.66 -9.53 17.47
C GLY A 37 15.66 -8.39 17.58
N ILE A 38 14.40 -8.74 17.79
CA ILE A 38 13.32 -7.77 17.79
C ILE A 38 13.17 -7.12 19.15
N PRO A 39 13.35 -5.79 19.23
CA PRO A 39 13.07 -5.10 20.49
C PRO A 39 11.64 -5.37 20.93
N PRO A 40 11.46 -5.78 22.19
CA PRO A 40 10.15 -6.12 22.73
C PRO A 40 9.12 -5.01 22.55
N ASP A 41 9.57 -3.77 22.51
CA ASP A 41 8.66 -2.64 22.51
C ASP A 41 8.06 -2.44 21.11
N GLN A 42 8.53 -3.21 20.13
CA GLN A 42 7.97 -3.06 18.80
C GLN A 42 7.05 -4.25 18.61
N GLN A 43 7.00 -5.12 19.61
CA GLN A 43 6.26 -6.39 19.54
C GLN A 43 4.82 -6.34 20.05
N ARG A 44 3.90 -6.92 19.28
CA ARG A 44 2.54 -7.11 19.75
C ARG A 44 2.17 -8.55 19.53
N LEU A 45 1.81 -9.24 20.61
CA LEU A 45 1.43 -10.65 20.49
C LEU A 45 -0.07 -10.82 20.55
N ILE A 46 -0.56 -11.77 19.76
CA ILE A 46 -1.98 -11.97 19.60
C ILE A 46 -2.32 -13.44 19.74
N PHE A 47 -3.29 -13.73 20.59
CA PHE A 47 -3.81 -15.08 20.70
C PHE A 47 -5.34 -15.08 20.81
N ALA A 48 -5.98 -15.94 20.02
CA ALA A 48 -7.44 -16.08 20.03
C ALA A 48 -8.16 -14.75 19.82
N GLY A 49 -7.67 -13.93 18.89
CA GLY A 49 -8.30 -12.66 18.58
C GLY A 49 -8.02 -11.57 19.59
N LYS A 50 -7.23 -11.87 20.62
CA LYS A 50 -6.91 -10.88 21.64
C LYS A 50 -5.46 -10.44 21.62
N GLN A 51 -5.24 -9.15 21.83
CA GLN A 51 -3.90 -8.60 22.05
C GLN A 51 -3.44 -8.82 23.48
N LEU A 52 -2.22 -9.34 23.62
CA LEU A 52 -1.79 -9.90 24.90
C LEU A 52 -1.03 -8.89 25.74
N GLU A 53 -1.40 -8.78 27.02
CA GLU A 53 -0.81 -7.79 27.94
C GLU A 53 0.44 -8.27 28.65
N ASP A 54 1.49 -7.45 28.60
CA ASP A 54 2.83 -7.77 29.11
C ASP A 54 2.88 -8.41 30.50
N GLY A 55 1.96 -8.00 31.37
CA GLY A 55 2.03 -8.40 32.76
C GLY A 55 1.36 -9.72 33.07
N ARG A 56 0.48 -10.18 32.19
CA ARG A 56 -0.21 -11.43 32.46
C ARG A 56 0.60 -12.63 31.96
N THR A 57 0.13 -13.84 32.27
CA THR A 57 0.88 -15.04 31.93
C THR A 57 0.20 -15.79 30.81
N LEU A 58 0.92 -16.76 30.24
CA LEU A 58 0.38 -17.57 29.18
C LEU A 58 -0.81 -18.34 29.72
N SER A 59 -0.68 -18.76 30.97
CA SER A 59 -1.76 -19.44 31.67
C SER A 59 -3.02 -18.58 31.76
N ASP A 60 -2.85 -17.30 32.11
CA ASP A 60 -3.99 -16.38 32.17
C ASP A 60 -4.77 -16.37 30.86
N TYR A 61 -4.06 -16.48 29.73
CA TYR A 61 -4.74 -16.45 28.44
C TYR A 61 -5.08 -17.86 27.96
N ASN A 62 -5.01 -18.82 28.87
CA ASN A 62 -5.14 -20.26 28.58
C ASN A 62 -4.43 -20.69 27.30
N ILE A 63 -3.18 -20.23 27.17
CA ILE A 63 -2.31 -20.66 26.09
C ILE A 63 -1.72 -22.03 26.44
N GLN A 64 -1.97 -23.02 25.58
CA GLN A 64 -1.61 -24.41 25.86
C GLN A 64 -0.46 -24.90 24.98
N LYS A 65 -0.06 -26.16 25.16
CA LYS A 65 1.05 -26.71 24.38
C LYS A 65 0.75 -26.67 22.88
N GLU A 66 1.74 -26.23 22.12
CA GLU A 66 1.65 -26.11 20.65
C GLU A 66 0.63 -25.06 20.18
N SER A 67 0.24 -24.16 21.08
CA SER A 67 -0.50 -22.97 20.69
C SER A 67 0.31 -22.12 19.73
N THR A 68 -0.38 -21.45 18.82
CA THR A 68 0.25 -20.47 17.96
C THR A 68 -0.13 -19.06 18.40
N LEU A 69 0.89 -18.22 18.57
CA LEU A 69 0.68 -16.81 18.83
C LEU A 69 1.06 -16.07 17.57
N HIS A 70 0.52 -14.87 17.38
CA HIS A 70 0.84 -14.08 16.21
C HIS A 70 1.65 -12.85 16.60
N LEU A 71 2.77 -12.64 15.92
CA LEU A 71 3.61 -11.49 16.20
C LEU A 71 3.41 -10.40 15.16
N VAL A 72 2.92 -9.24 15.62
CA VAL A 72 2.75 -8.09 14.75
C VAL A 72 3.69 -7.00 15.25
N LEU A 73 4.45 -6.38 14.36
CA LEU A 73 5.46 -5.42 14.77
C LEU A 73 5.02 -3.98 14.50
N ARG A 74 5.18 -3.05 15.45
CA ARG A 74 5.02 -1.64 15.07
C ARG A 74 6.37 -1.02 14.95
N LEU A 75 6.68 -0.60 13.73
CA LEU A 75 7.93 0.10 13.45
C LEU A 75 7.56 1.42 12.79
N MET B 1 -21.39 28.89 12.41
CA MET B 1 -20.91 27.75 11.65
C MET B 1 -19.72 27.04 12.29
N PRO B 2 -20.00 26.23 13.33
CA PRO B 2 -19.12 25.43 14.17
C PRO B 2 -18.38 24.33 13.40
N LYS B 3 -17.08 24.24 13.63
CA LYS B 3 -16.20 23.26 12.99
C LYS B 3 -15.65 22.22 13.98
N CYS B 4 -15.38 21.01 13.50
CA CYS B 4 -14.73 19.99 14.31
C CYS B 4 -13.36 20.49 14.74
N ILE B 5 -13.05 20.40 16.04
CA ILE B 5 -11.71 20.71 16.55
C ILE B 5 -10.61 19.89 15.88
N GLN B 6 -10.90 18.64 15.54
CA GLN B 6 -9.90 17.78 14.89
C GLN B 6 -9.80 18.00 13.36
N CYS B 7 -10.90 17.82 12.64
CA CYS B 7 -10.78 17.73 11.18
C CYS B 7 -11.14 19.02 10.52
N GLY B 8 -11.64 19.98 11.29
CA GLY B 8 -11.92 21.28 10.71
C GLY B 8 -13.16 21.38 9.81
N GLN B 9 -13.98 20.34 9.74
CA GLN B 9 -15.14 20.42 8.84
C GLN B 9 -16.37 20.95 9.59
N TYR B 10 -17.40 21.37 8.84
CA TYR B 10 -18.61 21.92 9.47
C TYR B 10 -19.45 20.84 10.08
N LEU B 11 -19.74 21.00 11.37
CA LEU B 11 -20.44 19.98 12.12
C LEU B 11 -21.91 19.86 11.76
N ASP B 12 -22.50 20.93 11.24
CA ASP B 12 -23.93 20.82 10.98
C ASP B 12 -24.13 20.32 9.55
N ASP B 13 -23.82 19.03 9.45
CA ASP B 13 -23.83 18.22 8.23
C ASP B 13 -24.02 16.78 8.67
N PRO B 14 -25.27 16.31 8.66
CA PRO B 14 -25.58 14.92 8.99
C PRO B 14 -24.81 13.91 8.16
N ASP B 15 -24.43 14.28 6.93
CA ASP B 15 -23.75 13.33 6.02
C ASP B 15 -22.35 13.03 6.55
N LEU B 16 -21.87 13.87 7.45
CA LEU B 16 -20.46 13.84 7.79
C LEU B 16 -20.20 12.64 8.71
N LYS B 17 -21.24 12.26 9.47
CA LYS B 17 -21.09 11.21 10.49
C LYS B 17 -20.85 9.83 9.88
N TYR B 18 -19.69 9.26 10.18
CA TYR B 18 -19.35 7.89 9.78
C TYR B 18 -20.32 6.90 10.40
N GLY B 19 -20.81 5.96 9.60
CA GLY B 19 -21.82 5.03 10.04
C GLY B 19 -21.26 3.90 10.89
N GLN B 20 -21.68 2.69 10.57
CA GLN B 20 -21.27 1.52 11.33
C GLN B 20 -20.02 0.96 10.68
N HIS B 21 -19.19 0.23 11.43
CA HIS B 21 -18.05 -0.45 10.82
C HIS B 21 -18.53 -1.56 9.89
N PRO B 22 -17.67 -2.01 8.97
CA PRO B 22 -18.01 -3.25 8.24
C PRO B 22 -18.33 -4.39 9.22
N PRO B 23 -19.23 -5.30 8.85
CA PRO B 23 -19.67 -6.38 9.75
C PRO B 23 -18.53 -7.18 10.37
N ASP B 24 -18.62 -7.37 11.68
CA ASP B 24 -17.65 -8.15 12.46
C ASP B 24 -16.21 -7.70 12.24
N ALA B 25 -16.02 -6.39 12.10
CA ALA B 25 -14.69 -5.83 11.90
C ALA B 25 -13.82 -6.07 13.12
N VAL B 26 -12.51 -6.25 12.92
CA VAL B 26 -11.60 -6.39 14.06
C VAL B 26 -10.55 -5.30 14.01
N ASP B 27 -9.75 -5.17 15.07
CA ASP B 27 -8.66 -4.19 15.13
C ASP B 27 -7.52 -4.54 14.19
N GLU B 28 -6.63 -3.58 13.96
CA GLU B 28 -5.68 -3.72 12.87
C GLU B 28 -4.73 -4.92 13.08
N PRO B 29 -4.12 -5.05 14.27
CA PRO B 29 -3.22 -6.20 14.40
C PRO B 29 -3.91 -7.56 14.15
N GLN B 30 -5.09 -7.78 14.72
CA GLN B 30 -5.83 -9.02 14.50
C GLN B 30 -6.17 -9.22 13.02
N MET B 31 -6.54 -8.13 12.36
CA MET B 31 -6.87 -8.18 10.95
C MET B 31 -5.69 -8.69 10.14
N LEU B 32 -4.52 -8.12 10.41
CA LEU B 32 -3.34 -8.42 9.65
C LEU B 32 -2.90 -9.89 9.81
N THR B 33 -3.32 -10.54 10.89
CA THR B 33 -2.92 -11.92 11.13
C THR B 33 -3.81 -12.94 10.42
N ASN B 34 -4.83 -12.46 9.72
CA ASN B 34 -5.78 -13.37 9.11
C ASN B 34 -5.09 -14.13 7.97
N GLU B 35 -5.29 -15.44 7.92
CA GLU B 35 -4.69 -16.30 6.89
C GLU B 35 -4.97 -15.83 5.46
N LYS B 36 -6.15 -15.26 5.24
CA LYS B 36 -6.50 -14.86 3.89
C LYS B 36 -5.57 -13.78 3.36
N LEU B 37 -4.86 -13.10 4.26
CA LEU B 37 -3.97 -12.04 3.82
C LEU B 37 -2.53 -12.53 3.62
N SER B 38 -2.25 -13.76 4.04
CA SER B 38 -0.91 -14.31 3.88
C SER B 38 -0.62 -14.74 2.44
N ILE B 39 0.48 -14.24 1.89
CA ILE B 39 0.94 -14.74 0.60
C ILE B 39 2.16 -15.65 0.80
N PHE B 40 2.42 -16.05 2.03
CA PHE B 40 3.61 -16.84 2.31
C PHE B 40 3.27 -18.28 2.66
N ASP B 41 4.09 -19.21 2.22
CA ASP B 41 4.24 -20.50 2.88
C ASP B 41 5.29 -20.32 3.96
N ALA B 42 4.86 -20.17 5.20
CA ALA B 42 5.77 -19.81 6.28
C ALA B 42 6.85 -20.88 6.51
N ASN B 43 8.11 -20.43 6.53
CA ASN B 43 9.24 -21.30 6.84
C ASN B 43 10.15 -20.62 7.86
N GLU B 44 11.05 -21.37 8.47
CA GLU B 44 11.85 -20.86 9.58
C GLU B 44 12.89 -19.79 9.17
N SER B 45 12.81 -19.33 7.93
CA SER B 45 13.76 -18.34 7.42
C SER B 45 13.08 -16.98 7.18
N GLY B 46 11.79 -17.02 6.88
CA GLY B 46 11.04 -15.81 6.56
C GLY B 46 11.27 -15.38 5.12
N PHE B 47 10.47 -14.47 4.61
CA PHE B 47 10.63 -14.10 3.21
C PHE B 47 11.01 -12.63 3.17
N GLU B 48 10.52 -11.88 4.15
CA GLU B 48 10.74 -10.45 4.16
C GLU B 48 11.56 -10.08 5.40
N SER B 49 12.15 -8.89 5.37
CA SER B 49 12.78 -8.32 6.57
C SER B 49 11.71 -7.90 7.59
N TYR B 50 12.07 -7.94 8.87
CA TYR B 50 11.22 -7.37 9.90
C TYR B 50 11.10 -5.86 9.75
N GLU B 51 12.04 -5.26 9.01
CA GLU B 51 11.98 -3.83 8.79
C GLU B 51 10.89 -3.46 7.79
N ALA B 52 10.32 -4.48 7.14
CA ALA B 52 9.37 -4.26 6.05
C ALA B 52 7.93 -4.47 6.48
N LEU B 53 7.14 -3.40 6.47
CA LEU B 53 5.72 -3.55 6.76
C LEU B 53 4.99 -4.33 5.66
N PRO B 54 4.13 -5.27 6.08
CA PRO B 54 3.27 -6.00 5.13
C PRO B 54 2.43 -5.04 4.29
N GLN B 55 2.10 -5.42 3.07
CA GLN B 55 1.33 -4.52 2.26
C GLN B 55 0.11 -5.30 1.74
N HIS B 56 -1.08 -4.69 1.86
CA HIS B 56 -2.33 -5.33 1.47
C HIS B 56 -3.18 -4.35 0.66
N LYS B 57 -4.19 -4.89 -0.02
CA LYS B 57 -5.26 -4.08 -0.59
C LYS B 57 -6.29 -3.72 0.49
N LEU B 58 -7.01 -2.62 0.28
CA LEU B 58 -8.11 -2.27 1.18
C LEU B 58 -9.30 -1.80 0.36
N THR B 59 -10.44 -2.45 0.52
CA THR B 59 -11.62 -2.03 -0.23
C THR B 59 -12.77 -1.65 0.72
N CYS B 60 -13.83 -1.08 0.14
CA CYS B 60 -14.96 -0.50 0.86
C CYS B 60 -14.46 0.36 2.02
N PHE B 61 -13.55 1.28 1.71
CA PHE B 61 -12.84 1.98 2.77
C PHE B 61 -13.53 3.31 3.13
N SER B 62 -13.33 3.74 4.37
CA SER B 62 -13.80 5.04 4.88
C SER B 62 -12.74 5.62 5.76
N VAL B 63 -12.53 6.93 5.69
CA VAL B 63 -11.53 7.59 6.52
C VAL B 63 -12.28 8.57 7.41
N TYR B 64 -11.98 8.54 8.69
CA TYR B 64 -12.62 9.40 9.70
C TYR B 64 -11.72 9.96 10.78
N CYS B 65 -12.15 11.08 11.37
CA CYS B 65 -11.38 11.70 12.46
C CYS B 65 -11.77 11.03 13.79
N LYS B 66 -11.13 11.38 14.90
CA LYS B 66 -11.47 10.68 16.15
C LYS B 66 -12.87 11.02 16.68
N HIS B 67 -13.48 12.09 16.17
CA HIS B 67 -14.86 12.44 16.54
C HIS B 67 -15.87 11.91 15.53
N GLY B 68 -15.41 10.98 14.70
CA GLY B 68 -16.30 10.23 13.84
C GLY B 68 -16.77 10.88 12.55
N HIS B 69 -16.03 11.86 12.03
CA HIS B 69 -16.46 12.45 10.77
C HIS B 69 -15.68 11.87 9.60
N LEU B 70 -16.39 11.51 8.54
CA LEU B 70 -15.78 11.15 7.25
C LEU B 70 -14.89 12.30 6.81
N CYS B 71 -13.67 11.98 6.40
N CYS B 71 -13.62 11.99 6.51
CA CYS B 71 -12.68 13.03 6.21
CA CYS B 71 -12.60 13.02 6.24
C CYS B 71 -11.85 12.85 4.95
C CYS B 71 -11.88 12.84 4.91
N PRO B 72 -11.65 13.94 4.19
CA PRO B 72 -10.70 13.86 3.08
C PRO B 72 -9.27 13.68 3.62
N ILE B 73 -8.35 13.23 2.78
CA ILE B 73 -6.96 12.99 3.19
C ILE B 73 -6.01 14.03 2.59
N ASP B 74 -6.52 14.93 1.75
CA ASP B 74 -5.63 15.83 1.05
C ASP B 74 -5.66 17.27 1.55
N THR B 75 -6.05 17.47 2.80
CA THR B 75 -6.16 18.85 3.27
C THR B 75 -5.12 19.15 4.34
N GLY B 76 -4.19 18.22 4.56
CA GLY B 76 -3.03 18.50 5.39
C GLY B 76 -3.17 18.03 6.82
N LEU B 77 -4.26 17.34 7.13
CA LEU B 77 -4.49 16.84 8.49
C LEU B 77 -3.44 15.83 8.93
N ILE B 78 -3.22 14.82 8.10
CA ILE B 78 -2.25 13.75 8.40
C ILE B 78 -0.87 14.35 8.63
N GLU B 79 -0.51 15.30 7.78
CA GLU B 79 0.81 15.92 7.85
C GLU B 79 0.99 16.68 9.18
N LYS B 80 -0.12 17.21 9.71
CA LYS B 80 -0.13 17.91 11.01
C LYS B 80 -0.28 16.96 12.19
N ASN B 81 -0.18 15.66 11.91
CA ASN B 81 -0.36 14.59 12.90
C ASN B 81 -1.75 14.59 13.52
N ILE B 82 -2.74 15.12 12.80
CA ILE B 82 -4.12 14.90 13.21
C ILE B 82 -4.40 13.42 12.96
N GLU B 83 -4.99 12.73 13.92
CA GLU B 83 -5.22 11.30 13.76
C GLU B 83 -6.43 11.02 12.87
N LEU B 84 -6.18 10.44 11.70
CA LEU B 84 -7.30 9.96 10.89
C LEU B 84 -7.34 8.45 10.89
N PHE B 85 -8.48 7.88 11.24
CA PHE B 85 -8.52 6.45 11.28
C PHE B 85 -9.25 6.03 10.03
N PHE B 86 -9.22 4.73 9.77
CA PHE B 86 -9.99 4.14 8.71
C PHE B 86 -10.56 2.75 8.99
N SER B 87 -11.50 2.36 8.15
CA SER B 87 -12.06 1.02 8.20
C SER B 87 -12.28 0.53 6.79
N GLY B 88 -12.51 -0.76 6.65
CA GLY B 88 -12.74 -1.32 5.34
C GLY B 88 -12.44 -2.79 5.37
N SER B 89 -12.17 -3.35 4.21
CA SER B 89 -11.94 -4.77 4.13
C SER B 89 -10.58 -5.03 3.47
N ALA B 90 -9.64 -5.58 4.22
CA ALA B 90 -8.31 -5.85 3.67
C ALA B 90 -8.36 -7.09 2.76
N LYS B 91 -7.60 -7.08 1.67
CA LYS B 91 -7.62 -8.19 0.73
C LYS B 91 -6.18 -8.48 0.35
N PRO B 92 -5.91 -9.69 -0.16
CA PRO B 92 -4.54 -10.02 -0.58
C PRO B 92 -3.99 -9.02 -1.58
N ILE B 93 -2.71 -8.69 -1.50
CA ILE B 93 -2.12 -7.63 -2.32
C ILE B 93 -2.30 -7.85 -3.82
N TYR B 94 -2.47 -9.09 -4.26
CA TYR B 94 -2.62 -9.35 -5.69
C TYR B 94 -4.07 -9.20 -6.18
N ASP B 95 -5.01 -9.22 -5.25
CA ASP B 95 -6.43 -9.29 -5.60
C ASP B 95 -6.92 -8.01 -6.32
N ASP B 96 -7.59 -8.18 -7.46
CA ASP B 96 -8.05 -7.02 -8.24
C ASP B 96 -9.57 -6.89 -8.22
N ASP B 97 -10.21 -7.68 -7.36
CA ASP B 97 -11.64 -7.62 -7.16
C ASP B 97 -12.00 -6.71 -5.99
N PRO B 98 -12.70 -5.59 -6.22
CA PRO B 98 -12.96 -4.64 -5.13
C PRO B 98 -14.14 -5.03 -4.24
N SER B 99 -14.70 -6.20 -4.49
CA SER B 99 -15.79 -6.71 -3.66
C SER B 99 -15.35 -6.99 -2.25
N LEU B 100 -16.30 -6.94 -1.31
CA LEU B 100 -16.07 -7.30 0.08
C LEU B 100 -15.74 -8.77 0.27
N GLU B 101 -16.10 -9.60 -0.69
CA GLU B 101 -15.93 -11.03 -0.51
C GLU B 101 -14.45 -11.42 -0.61
N GLY B 102 -14.02 -12.27 0.31
CA GLY B 102 -12.63 -12.66 0.41
C GLY B 102 -11.80 -11.66 1.21
N GLY B 103 -12.43 -10.61 1.71
CA GLY B 103 -11.70 -9.61 2.47
C GLY B 103 -11.76 -9.84 3.97
N VAL B 104 -10.91 -9.16 4.72
CA VAL B 104 -10.92 -9.24 6.16
C VAL B 104 -11.35 -7.87 6.70
N ASN B 105 -12.52 -7.80 7.35
CA ASN B 105 -13.08 -6.50 7.79
C ASN B 105 -12.29 -5.93 8.96
N GLY B 106 -11.89 -4.67 8.84
CA GLY B 106 -11.10 -4.00 9.86
C GLY B 106 -11.72 -2.69 10.31
N LYS B 107 -11.53 -2.32 11.57
CA LYS B 107 -12.11 -1.09 12.09
C LYS B 107 -11.05 -0.30 12.83
N ASN B 108 -11.22 1.02 12.86
CA ASN B 108 -10.32 1.90 13.63
C ASN B 108 -8.86 1.61 13.31
N LEU B 109 -8.60 1.42 12.03
CA LEU B 109 -7.26 1.10 11.56
C LEU B 109 -6.45 2.38 11.61
N GLY B 110 -5.13 2.28 11.75
CA GLY B 110 -4.29 3.46 11.77
C GLY B 110 -4.04 3.96 13.18
N PRO B 111 -3.90 5.28 13.36
CA PRO B 111 -4.08 6.39 12.43
C PRO B 111 -3.12 6.36 11.24
N ILE B 112 -3.48 7.12 10.21
CA ILE B 112 -2.68 7.18 9.00
C ILE B 112 -1.44 8.01 9.28
N ASN B 113 -0.26 7.44 9.02
CA ASN B 113 1.01 8.17 9.21
C ASN B 113 1.35 9.02 7.99
N GLU B 114 1.11 8.46 6.81
CA GLU B 114 1.28 9.22 5.58
C GLU B 114 0.45 8.57 4.49
N TRP B 115 0.14 9.31 3.43
CA TRP B 115 -0.55 8.74 2.28
C TRP B 115 0.28 9.06 1.07
N TRP B 116 0.07 8.38 -0.03
CA TRP B 116 0.91 8.68 -1.19
C TRP B 116 0.23 8.18 -2.43
N ILE B 117 0.74 8.66 -3.56
CA ILE B 117 0.33 8.18 -4.86
C ILE B 117 1.47 7.36 -5.44
N THR B 118 1.16 6.24 -6.07
CA THR B 118 2.16 5.51 -6.84
C THR B 118 1.53 4.85 -8.06
N GLY B 119 2.24 3.93 -8.68
CA GLY B 119 1.74 3.27 -9.87
C GLY B 119 1.99 4.04 -11.16
N PHE B 120 3.17 4.63 -11.29
CA PHE B 120 3.49 5.40 -12.46
C PHE B 120 4.17 4.52 -13.52
N ASP B 121 3.61 3.35 -13.79
CA ASP B 121 4.22 2.42 -14.72
C ASP B 121 3.52 2.39 -16.07
N GLY B 122 2.61 3.32 -16.30
CA GLY B 122 1.90 3.34 -17.57
C GLY B 122 0.63 2.52 -17.63
N GLY B 123 0.27 1.85 -16.54
CA GLY B 123 -1.01 1.16 -16.47
C GLY B 123 -2.16 2.16 -16.36
N GLU B 124 -3.39 1.65 -16.43
CA GLU B 124 -4.53 2.54 -16.47
C GLU B 124 -4.75 3.27 -15.14
N LYS B 125 -4.43 2.64 -14.03
CA LYS B 125 -4.86 3.20 -12.76
C LYS B 125 -3.73 3.87 -12.00
N ALA B 126 -4.11 4.92 -11.28
CA ALA B 126 -3.27 5.46 -10.25
C ALA B 126 -3.46 4.64 -8.98
N LEU B 127 -2.43 4.55 -8.16
CA LEU B 127 -2.58 3.84 -6.90
C LEU B 127 -2.42 4.82 -5.74
N ILE B 128 -3.34 4.77 -4.78
CA ILE B 128 -3.26 5.60 -3.59
C ILE B 128 -3.05 4.65 -2.43
N GLY B 129 -2.07 4.98 -1.59
CA GLY B 129 -1.72 4.13 -0.45
C GLY B 129 -1.74 4.87 0.87
N PHE B 130 -2.00 4.13 1.95
CA PHE B 130 -1.88 4.57 3.35
C PHE B 130 -0.76 3.79 4.01
N SER B 131 0.03 4.46 4.86
CA SER B 131 0.90 3.78 5.83
C SER B 131 0.37 3.94 7.23
N THR B 132 0.36 2.84 8.00
CA THR B 132 0.13 2.92 9.42
C THR B 132 1.40 2.40 10.13
N SER B 133 1.36 2.34 11.45
CA SER B 133 2.50 1.76 12.16
C SER B 133 2.61 0.25 11.97
N PHE B 134 1.61 -0.37 11.35
CA PHE B 134 1.65 -1.82 11.18
C PHE B 134 1.71 -2.31 9.75
N ALA B 135 1.23 -1.51 8.81
CA ALA B 135 1.10 -2.01 7.46
C ALA B 135 0.97 -0.88 6.43
N GLU B 136 1.03 -1.23 5.15
CA GLU B 136 0.76 -0.26 4.10
C GLU B 136 -0.51 -0.73 3.41
N TYR B 137 -1.39 0.18 2.98
CA TYR B 137 -2.46 -0.38 2.19
C TYR B 137 -2.69 0.36 0.87
N ILE B 138 -2.97 -0.42 -0.18
CA ILE B 138 -3.29 0.11 -1.50
C ILE B 138 -4.81 0.15 -1.62
N LEU B 139 -5.36 1.32 -1.95
CA LEU B 139 -6.81 1.44 -1.88
C LEU B 139 -7.48 0.80 -3.09
N MET B 140 -8.66 0.23 -2.88
CA MET B 140 -9.47 -0.23 -4.01
C MET B 140 -10.71 0.67 -4.17
N ASP B 141 -11.91 0.19 -3.80
CA ASP B 141 -13.11 1.03 -3.90
C ASP B 141 -13.47 1.63 -2.54
N PRO B 142 -13.88 2.90 -2.52
CA PRO B 142 -14.39 3.52 -1.28
C PRO B 142 -15.74 2.92 -0.88
N SER B 143 -16.09 3.01 0.39
CA SER B 143 -17.43 2.66 0.85
C SER B 143 -18.42 3.62 0.16
N PRO B 144 -19.71 3.23 0.09
CA PRO B 144 -20.68 4.16 -0.52
C PRO B 144 -20.71 5.51 0.17
N GLU B 145 -20.61 5.55 1.50
CA GLU B 145 -20.68 6.83 2.17
C GLU B 145 -19.41 7.67 1.97
N TYR B 146 -18.28 7.02 1.69
CA TYR B 146 -17.02 7.76 1.56
C TYR B 146 -16.73 8.09 0.08
N ALA B 147 -17.45 7.46 -0.86
CA ALA B 147 -17.16 7.64 -2.28
C ALA B 147 -17.16 9.11 -2.74
N PRO B 148 -18.10 9.93 -2.24
CA PRO B 148 -18.05 11.31 -2.72
C PRO B 148 -16.76 12.04 -2.35
N ILE B 149 -16.28 11.80 -1.14
CA ILE B 149 -15.05 12.42 -0.68
C ILE B 149 -13.90 11.97 -1.57
N PHE B 150 -13.78 10.66 -1.74
CA PHE B 150 -12.66 10.13 -2.52
C PHE B 150 -12.72 10.56 -3.99
N GLY B 151 -13.94 10.69 -4.52
CA GLY B 151 -14.13 11.15 -5.90
C GLY B 151 -13.59 12.56 -6.16
N LEU B 152 -13.67 13.43 -5.15
CA LEU B 152 -13.27 14.84 -5.35
C LEU B 152 -11.78 14.98 -5.67
N MET B 153 -11.02 13.98 -5.26
CA MET B 153 -9.58 14.04 -5.31
C MET B 153 -9.01 13.45 -6.62
N GLN B 154 -9.86 12.85 -7.45
CA GLN B 154 -9.33 12.01 -8.54
C GLN B 154 -8.69 12.82 -9.69
N GLU B 155 -9.25 13.98 -10.02
CA GLU B 155 -8.67 14.76 -11.09
C GLU B 155 -7.20 15.10 -10.83
N LYS B 156 -6.89 15.62 -9.65
CA LYS B 156 -5.51 16.06 -9.38
C LYS B 156 -4.59 14.84 -9.38
N ILE B 157 -5.10 13.72 -8.92
CA ILE B 157 -4.31 12.50 -8.92
C ILE B 157 -4.00 12.05 -10.35
N TYR B 158 -4.99 12.07 -11.26
CA TYR B 158 -4.56 11.56 -12.55
C TYR B 158 -3.80 12.57 -13.41
N ILE B 159 -3.97 13.87 -13.20
CA ILE B 159 -3.06 14.83 -13.85
C ILE B 159 -1.63 14.55 -13.45
N SER B 160 -1.44 14.28 -12.15
CA SER B 160 -0.09 14.00 -11.60
C SER B 160 0.52 12.76 -12.23
N LYS B 161 -0.28 11.71 -12.32
CA LYS B 161 0.12 10.49 -13.00
C LYS B 161 0.55 10.75 -14.42
N ILE B 162 -0.23 11.53 -15.17
CA ILE B 162 0.13 11.85 -16.54
C ILE B 162 1.49 12.53 -16.56
N VAL B 163 1.67 13.49 -15.67
CA VAL B 163 2.86 14.32 -15.70
C VAL B 163 4.10 13.51 -15.34
N VAL B 164 4.04 12.78 -14.24
CA VAL B 164 5.16 11.94 -13.82
C VAL B 164 5.54 10.96 -14.94
N GLU B 165 4.55 10.27 -15.51
CA GLU B 165 4.86 9.28 -16.52
C GLU B 165 5.47 9.94 -17.77
N PHE B 166 4.97 11.11 -18.14
CA PHE B 166 5.52 11.83 -19.29
C PHE B 166 6.97 12.28 -19.07
N LEU B 167 7.24 12.83 -17.89
CA LEU B 167 8.55 13.39 -17.59
C LEU B 167 9.63 12.31 -17.41
N GLN B 168 9.28 11.21 -16.75
CA GLN B 168 10.26 10.14 -16.54
C GLN B 168 10.68 9.58 -17.90
N SER B 169 9.71 9.50 -18.81
CA SER B 169 9.86 8.92 -20.13
C SER B 169 10.65 9.80 -21.09
N ASN B 170 10.48 11.11 -20.97
CA ASN B 170 10.88 12.01 -22.04
C ASN B 170 11.74 13.12 -21.48
N SER B 171 13.00 12.80 -21.26
CA SER B 171 13.86 13.69 -20.49
C SER B 171 14.23 15.01 -21.17
N ASP B 172 13.93 15.20 -22.47
CA ASP B 172 14.29 16.47 -23.10
C ASP B 172 13.04 17.12 -23.75
N SER B 173 11.83 16.80 -23.27
CA SER B 173 10.62 17.32 -23.95
C SER B 173 10.15 18.68 -23.41
N THR B 174 9.22 19.31 -24.15
CA THR B 174 8.81 20.66 -23.81
C THR B 174 7.45 20.69 -23.13
N TYR B 175 7.16 21.84 -22.55
CA TYR B 175 5.86 22.15 -22.00
C TYR B 175 4.81 21.87 -23.07
N GLU B 176 5.06 22.31 -24.30
CA GLU B 176 4.12 22.12 -25.40
C GLU B 176 3.84 20.63 -25.61
N ASP B 177 4.89 19.82 -25.60
CA ASP B 177 4.75 18.37 -25.71
C ASP B 177 3.92 17.81 -24.56
N LEU B 178 4.14 18.31 -23.34
CA LEU B 178 3.36 17.83 -22.19
C LEU B 178 1.88 18.17 -22.37
N ILE B 179 1.57 19.39 -22.79
CA ILE B 179 0.17 19.76 -23.00
C ILE B 179 -0.49 18.85 -24.04
N ASN B 180 0.20 18.63 -25.16
CA ASN B 180 -0.25 17.68 -26.17
C ASN B 180 -0.55 16.33 -25.55
N LYS B 181 0.37 15.83 -24.73
CA LYS B 181 0.17 14.54 -24.08
C LYS B 181 -1.07 14.54 -23.16
N ILE B 182 -1.19 15.58 -22.36
CA ILE B 182 -2.32 15.72 -21.46
C ILE B 182 -3.63 15.73 -22.24
N GLU B 183 -3.68 16.54 -23.29
CA GLU B 183 -4.86 16.63 -24.13
C GLU B 183 -5.24 15.29 -24.79
N THR B 184 -4.27 14.41 -25.00
CA THR B 184 -4.56 13.18 -25.74
C THR B 184 -4.70 12.00 -24.80
N THR B 185 -4.57 12.23 -23.50
CA THR B 185 -4.72 11.15 -22.55
C THR B 185 -6.20 10.98 -22.25
N VAL B 186 -6.67 9.74 -22.40
CA VAL B 186 -8.07 9.43 -22.16
C VAL B 186 -8.26 9.19 -20.67
N PRO B 187 -9.29 9.81 -20.07
CA PRO B 187 -9.45 9.58 -18.63
C PRO B 187 -9.79 8.11 -18.33
N PRO B 188 -9.57 7.66 -17.07
CA PRO B 188 -9.67 6.24 -16.77
C PRO B 188 -11.08 5.67 -16.88
N SER B 189 -11.19 4.42 -17.34
CA SER B 189 -12.45 3.73 -17.59
C SER B 189 -13.38 3.70 -16.41
N GLY B 190 -12.81 3.52 -15.22
CA GLY B 190 -13.61 3.36 -14.02
C GLY B 190 -14.19 4.63 -13.45
N LEU B 191 -13.78 5.77 -13.98
CA LEU B 191 -14.26 7.04 -13.44
C LEU B 191 -15.15 7.76 -14.44
N ASN B 192 -15.50 9.00 -14.14
CA ASN B 192 -16.35 9.80 -15.02
C ASN B 192 -15.71 11.18 -15.26
N LEU B 193 -14.38 11.22 -15.22
CA LEU B 193 -13.66 12.49 -15.35
C LEU B 193 -13.80 13.11 -16.74
N ASN B 194 -13.73 14.43 -16.78
CA ASN B 194 -13.72 15.17 -18.04
C ASN B 194 -12.37 14.97 -18.72
N ARG B 195 -12.26 15.38 -19.98
CA ARG B 195 -10.96 15.36 -20.63
C ARG B 195 -10.03 16.28 -19.85
N PHE B 196 -8.74 16.01 -19.90
CA PHE B 196 -7.75 16.84 -19.24
C PHE B 196 -7.33 17.92 -20.21
N THR B 197 -7.14 19.14 -19.71
CA THR B 197 -6.69 20.24 -20.56
C THR B 197 -5.46 20.91 -19.93
N GLU B 198 -4.80 21.77 -20.69
CA GLU B 198 -3.80 22.63 -20.08
C GLU B 198 -4.27 23.30 -18.80
N ASP B 199 -5.51 23.79 -18.75
CA ASP B 199 -5.91 24.50 -17.55
C ASP B 199 -6.03 23.49 -16.40
N SER B 200 -6.23 22.20 -16.71
CA SER B 200 -6.25 21.15 -15.68
C SER B 200 -4.91 21.13 -14.94
N LEU B 201 -3.84 21.18 -15.73
CA LEU B 201 -2.49 21.24 -15.18
C LEU B 201 -2.29 22.50 -14.38
N LEU B 202 -2.64 23.64 -14.96
CA LEU B 202 -2.40 24.92 -14.30
C LEU B 202 -3.10 25.01 -12.95
N ARG B 203 -4.37 24.57 -12.90
CA ARG B 203 -5.13 24.58 -11.63
C ARG B 203 -4.47 23.71 -10.55
N HIS B 204 -3.85 22.61 -10.95
CA HIS B 204 -3.23 21.71 -9.97
C HIS B 204 -1.70 21.78 -9.97
N ALA B 205 -1.15 22.87 -10.50
CA ALA B 205 0.28 22.92 -10.78
C ALA B 205 1.11 22.66 -9.52
N GLN B 206 0.73 23.27 -8.40
CA GLN B 206 1.50 23.11 -7.18
C GLN B 206 1.48 21.65 -6.69
N PHE B 207 0.30 21.04 -6.72
CA PHE B 207 0.16 19.63 -6.30
C PHE B 207 0.99 18.75 -7.23
N VAL B 208 0.91 19.01 -8.54
CA VAL B 208 1.65 18.20 -9.51
C VAL B 208 3.17 18.30 -9.28
N VAL B 209 3.67 19.51 -9.07
CA VAL B 209 5.11 19.67 -8.84
C VAL B 209 5.51 18.93 -7.57
N GLU B 210 4.67 18.99 -6.55
CA GLU B 210 4.97 18.25 -5.31
C GLU B 210 5.04 16.75 -5.53
N GLN B 211 4.14 16.23 -6.37
CA GLN B 211 4.16 14.79 -6.65
C GLN B 211 5.42 14.39 -7.45
N VAL B 212 5.84 15.24 -8.39
CA VAL B 212 7.09 14.94 -9.11
C VAL B 212 8.27 14.88 -8.14
N GLU B 213 8.35 15.89 -7.27
CA GLU B 213 9.45 16.01 -6.31
C GLU B 213 9.44 14.86 -5.31
N SER B 214 8.25 14.42 -4.94
CA SER B 214 8.11 13.30 -4.02
C SER B 214 8.49 12.00 -4.72
N TYR B 215 8.09 11.88 -5.98
CA TYR B 215 8.49 10.73 -6.80
C TYR B 215 10.02 10.61 -6.86
N ASP B 216 10.69 11.69 -7.26
CA ASP B 216 12.17 11.73 -7.26
C ASP B 216 12.78 11.42 -5.91
N GLU B 217 12.23 12.00 -4.85
CA GLU B 217 12.93 11.87 -3.57
C GLU B 217 12.78 10.43 -3.05
N ALA B 218 11.66 9.79 -3.36
CA ALA B 218 11.41 8.44 -2.85
C ALA B 218 12.35 7.45 -3.54
N GLY B 219 12.79 7.81 -4.74
CA GLY B 219 13.78 7.05 -5.46
C GLY B 219 15.13 7.17 -4.74
N ASP B 220 15.43 6.17 -3.92
CA ASP B 220 16.72 6.07 -3.23
C ASP B 220 17.81 5.66 -4.22
N SER B 221 17.36 5.13 -5.36
CA SER B 221 18.24 4.56 -6.38
C SER B 221 17.76 4.96 -7.75
N ASP B 222 18.03 6.21 -8.14
CA ASP B 222 17.31 6.85 -9.24
C ASP B 222 17.33 6.00 -10.50
N GLU B 223 16.21 5.32 -10.70
CA GLU B 223 16.03 4.33 -11.74
C GLU B 223 15.42 4.94 -13.00
N GLN B 224 14.57 5.95 -12.81
CA GLN B 224 13.94 6.63 -13.92
C GLN B 224 13.72 8.09 -13.50
N PRO B 225 14.82 8.84 -13.29
CA PRO B 225 14.69 10.12 -12.59
C PRO B 225 14.09 11.24 -13.44
N ILE B 226 13.79 12.35 -12.79
CA ILE B 226 13.25 13.49 -13.51
C ILE B 226 14.12 14.71 -13.25
N PHE B 227 14.14 15.10 -11.98
CA PHE B 227 14.83 16.29 -11.51
C PHE B 227 14.48 17.56 -12.28
N LEU B 228 15.48 18.22 -12.86
CA LEU B 228 15.19 19.49 -13.52
C LEU B 228 15.30 19.41 -15.06
N THR B 229 14.52 18.52 -15.66
CA THR B 229 14.33 18.55 -17.11
C THR B 229 13.77 19.91 -17.52
N PRO B 230 13.83 20.27 -18.80
CA PRO B 230 13.27 21.57 -19.21
C PRO B 230 11.78 21.77 -18.96
N CYS B 231 10.97 20.76 -19.28
CA CYS B 231 9.55 20.85 -19.03
C CYS B 231 9.35 21.08 -17.53
N MET B 232 10.08 20.36 -16.71
CA MET B 232 9.94 20.50 -15.27
C MET B 232 10.34 21.92 -14.80
N ARG B 233 11.37 22.51 -15.42
CA ARG B 233 11.72 23.89 -15.05
C ARG B 233 10.52 24.81 -15.29
N ASP B 234 9.84 24.63 -16.41
CA ASP B 234 8.65 25.44 -16.70
C ASP B 234 7.55 25.19 -15.66
N LEU B 235 7.37 23.92 -15.28
CA LEU B 235 6.31 23.61 -14.30
C LEU B 235 6.61 24.24 -12.94
N ILE B 236 7.87 24.14 -12.51
CA ILE B 236 8.28 24.78 -11.26
C ILE B 236 8.02 26.27 -11.29
N LYS B 237 8.35 26.91 -12.40
CA LYS B 237 8.12 28.36 -12.53
C LYS B 237 6.61 28.67 -12.39
N LEU B 238 5.78 27.88 -13.08
CA LEU B 238 4.33 28.04 -13.00
C LEU B 238 3.84 27.82 -11.57
N ALA B 239 4.33 26.79 -10.91
CA ALA B 239 3.80 26.43 -9.60
C ALA B 239 4.13 27.49 -8.55
N GLY B 240 5.14 28.31 -8.83
CA GLY B 240 5.56 29.34 -7.90
C GLY B 240 4.81 30.66 -8.04
N VAL B 241 3.88 30.75 -9.00
CA VAL B 241 3.09 31.98 -9.14
C VAL B 241 1.61 31.64 -9.02
N THR B 242 0.76 32.66 -8.92
CA THR B 242 -0.67 32.47 -8.72
C THR B 242 -1.28 31.86 -9.99
N LEU B 243 -2.43 31.22 -9.84
CA LEU B 243 -3.13 30.63 -10.99
C LEU B 243 -3.35 31.65 -12.11
N GLY B 244 -3.70 32.89 -11.77
CA GLY B 244 -3.91 33.92 -12.79
C GLY B 244 -2.67 34.18 -13.64
N GLN B 245 -1.52 34.18 -12.98
CA GLN B 245 -0.26 34.37 -13.69
C GLN B 245 0.12 33.16 -14.55
N ARG B 246 -0.26 31.96 -14.10
CA ARG B 246 -0.03 30.76 -14.90
C ARG B 246 -0.86 30.89 -16.17
N ARG B 247 -2.14 31.23 -16.00
CA ARG B 247 -3.07 31.34 -17.12
C ARG B 247 -2.66 32.44 -18.09
N ALA B 248 -2.09 33.52 -17.57
CA ALA B 248 -1.66 34.63 -18.43
C ALA B 248 -0.63 34.16 -19.46
N GLN B 249 0.12 33.13 -19.09
CA GLN B 249 1.22 32.65 -19.94
C GLN B 249 0.78 31.58 -20.92
N ALA B 250 -0.42 31.07 -20.72
CA ALA B 250 -0.92 29.98 -21.52
C ALA B 250 -1.09 30.41 -22.97
N HIS C 2 10.83 -21.57 -26.51
CA HIS C 2 10.29 -20.45 -25.75
C HIS C 2 8.91 -20.77 -25.16
N MET C 3 8.47 -19.93 -24.24
CA MET C 3 7.11 -19.99 -23.69
C MET C 3 6.69 -18.61 -23.24
N GLN C 4 5.39 -18.34 -23.35
CA GLN C 4 4.86 -17.01 -23.08
C GLN C 4 4.04 -16.93 -21.79
N ILE C 5 4.46 -16.06 -20.88
CA ILE C 5 3.73 -15.79 -19.64
C ILE C 5 3.40 -14.29 -19.49
N PHE C 6 2.40 -13.99 -18.67
CA PHE C 6 1.98 -12.60 -18.43
C PHE C 6 2.24 -12.19 -16.98
N VAL C 7 2.43 -10.88 -16.78
CA VAL C 7 2.74 -10.28 -15.46
C VAL C 7 1.90 -9.02 -15.24
N LYS C 8 0.99 -9.05 -14.26
CA LYS C 8 0.15 -7.89 -13.91
C LYS C 8 0.78 -7.02 -12.89
N THR C 9 0.89 -5.72 -13.11
CA THR C 9 1.24 -4.81 -12.02
C THR C 9 -0.06 -4.46 -11.32
N LEU C 10 0.01 -3.80 -10.17
CA LEU C 10 -1.21 -3.41 -9.48
C LEU C 10 -1.98 -2.32 -10.22
N THR C 11 -1.38 -1.69 -11.23
CA THR C 11 -2.10 -0.69 -12.00
C THR C 11 -2.91 -1.32 -13.12
N GLY C 12 -2.73 -2.62 -13.30
CA GLY C 12 -3.40 -3.33 -14.36
C GLY C 12 -2.51 -3.48 -15.59
N LYS C 13 -1.33 -2.87 -15.56
CA LYS C 13 -0.41 -2.99 -16.68
C LYS C 13 0.01 -4.45 -16.86
N THR C 14 -0.06 -4.93 -18.09
CA THR C 14 0.31 -6.31 -18.38
C THR C 14 1.61 -6.35 -19.16
N ILE C 15 2.58 -7.09 -18.63
CA ILE C 15 3.85 -7.27 -19.29
C ILE C 15 3.88 -8.68 -19.87
N THR C 16 4.24 -8.80 -21.15
CA THR C 16 4.37 -10.11 -21.77
C THR C 16 5.84 -10.54 -21.80
N LEU C 17 6.09 -11.81 -21.49
CA LEU C 17 7.45 -12.32 -21.45
C LEU C 17 7.60 -13.64 -22.21
N GLU C 18 8.73 -13.80 -22.89
CA GLU C 18 9.12 -15.09 -23.44
C GLU C 18 10.10 -15.74 -22.46
N VAL C 19 9.68 -16.87 -21.90
CA VAL C 19 10.48 -17.57 -20.90
C VAL C 19 10.47 -19.06 -21.16
N GLU C 20 11.25 -19.75 -20.35
CA GLU C 20 11.35 -21.20 -20.38
C GLU C 20 11.26 -21.68 -18.95
N PRO C 21 10.62 -22.83 -18.71
CA PRO C 21 10.56 -23.38 -17.36
C PRO C 21 11.94 -23.44 -16.69
N SER C 22 12.95 -23.25 -17.52
CA SER C 22 14.33 -23.14 -17.09
C SER C 22 14.64 -21.93 -16.18
N ASP C 23 14.01 -20.76 -16.35
CA ASP C 23 14.60 -19.65 -15.58
C ASP C 23 14.27 -19.73 -14.11
N THR C 24 15.16 -19.10 -13.34
CA THR C 24 14.91 -18.79 -11.96
C THR C 24 13.90 -17.65 -11.90
N ILE C 25 13.31 -17.44 -10.73
CA ILE C 25 12.49 -16.27 -10.51
C ILE C 25 13.35 -15.03 -10.62
N GLU C 26 14.60 -15.12 -10.18
CA GLU C 26 15.53 -14.00 -10.24
C GLU C 26 15.83 -13.63 -11.69
N ASN C 27 15.67 -14.60 -12.59
CA ASN C 27 15.85 -14.36 -14.00
C ASN C 27 14.61 -13.68 -14.58
N VAL C 28 13.44 -14.17 -14.18
CA VAL C 28 12.18 -13.59 -14.62
C VAL C 28 12.21 -12.11 -14.29
N LYS C 29 12.76 -11.79 -13.12
CA LYS C 29 12.85 -10.41 -12.66
C LYS C 29 13.83 -9.60 -13.50
N ALA C 30 14.86 -10.27 -14.01
CA ALA C 30 15.83 -9.61 -14.88
C ALA C 30 15.17 -9.26 -16.21
N LYS C 31 14.39 -10.19 -16.74
CA LYS C 31 13.63 -9.96 -17.96
C LYS C 31 12.66 -8.81 -17.76
N ILE C 32 12.06 -8.74 -16.58
CA ILE C 32 11.17 -7.64 -16.23
C ILE C 32 11.97 -6.36 -16.11
N GLN C 33 13.16 -6.45 -15.54
CA GLN C 33 14.05 -5.29 -15.46
C GLN C 33 14.46 -4.82 -16.84
N ASP C 34 14.85 -5.76 -17.70
CA ASP C 34 15.33 -5.42 -19.03
C ASP C 34 14.27 -4.62 -19.78
N LYS C 35 13.02 -5.03 -19.62
CA LYS C 35 11.94 -4.49 -20.43
C LYS C 35 11.21 -3.31 -19.76
N GLU C 36 11.22 -3.27 -18.43
CA GLU C 36 10.49 -2.22 -17.73
C GLU C 36 11.39 -1.34 -16.88
N GLY C 37 12.64 -1.75 -16.70
CA GLY C 37 13.57 -0.96 -15.91
C GLY C 37 13.31 -1.02 -14.43
N ILE C 38 12.71 -2.11 -13.97
CA ILE C 38 12.42 -2.30 -12.57
C ILE C 38 13.48 -3.17 -11.93
N PRO C 39 14.20 -2.62 -10.94
CA PRO C 39 15.22 -3.37 -10.20
C PRO C 39 14.62 -4.60 -9.53
N PRO C 40 15.23 -5.78 -9.74
CA PRO C 40 14.75 -7.06 -9.21
C PRO C 40 14.65 -7.07 -7.69
N ASP C 41 15.40 -6.17 -7.07
CA ASP C 41 15.47 -6.06 -5.63
C ASP C 41 14.17 -5.52 -5.07
N GLN C 42 13.37 -4.91 -5.94
CA GLN C 42 12.19 -4.21 -5.52
C GLN C 42 10.97 -5.00 -5.98
N GLN C 43 11.24 -6.11 -6.68
CA GLN C 43 10.20 -6.96 -7.26
C GLN C 43 9.78 -8.11 -6.36
N ARG C 44 8.46 -8.22 -6.15
CA ARG C 44 7.89 -9.41 -5.54
C ARG C 44 6.93 -10.01 -6.54
N LEU C 45 7.16 -11.26 -6.90
CA LEU C 45 6.33 -11.93 -7.87
C LEU C 45 5.44 -12.95 -7.16
N ILE C 46 4.25 -13.13 -7.69
CA ILE C 46 3.23 -13.91 -7.02
C ILE C 46 2.50 -14.74 -8.04
N PHE C 47 2.21 -15.98 -7.67
CA PHE C 47 1.43 -16.86 -8.51
C PHE C 47 0.67 -17.80 -7.60
N ALA C 48 -0.56 -18.10 -7.99
CA ALA C 48 -1.45 -18.94 -7.20
C ALA C 48 -1.50 -18.46 -5.74
N GLY C 49 -1.51 -17.15 -5.55
CA GLY C 49 -1.63 -16.57 -4.22
C GLY C 49 -0.41 -16.65 -3.32
N LYS C 50 0.75 -16.92 -3.89
CA LYS C 50 1.97 -17.10 -3.09
C LYS C 50 3.17 -16.31 -3.64
N GLN C 51 3.90 -15.64 -2.74
CA GLN C 51 5.13 -14.96 -3.14
C GLN C 51 6.18 -15.98 -3.54
N LEU C 52 6.90 -15.69 -4.60
CA LEU C 52 7.83 -16.64 -5.15
C LEU C 52 9.26 -16.31 -4.73
N GLU C 53 10.12 -17.32 -4.75
CA GLU C 53 11.49 -17.20 -4.25
C GLU C 53 12.52 -17.03 -5.36
N ASP C 54 13.42 -16.06 -5.18
CA ASP C 54 14.41 -15.72 -6.21
C ASP C 54 15.22 -16.91 -6.67
N GLY C 55 15.50 -17.82 -5.74
CA GLY C 55 16.35 -18.95 -6.02
C GLY C 55 15.74 -20.07 -6.85
N ARG C 56 14.42 -20.20 -6.84
CA ARG C 56 13.77 -21.34 -7.49
C ARG C 56 13.41 -21.01 -8.93
N THR C 57 13.07 -22.05 -9.69
CA THR C 57 12.82 -21.92 -11.12
C THR C 57 11.33 -22.00 -11.41
N LEU C 58 10.93 -21.47 -12.56
CA LEU C 58 9.53 -21.44 -12.99
C LEU C 58 8.90 -22.82 -12.95
N SER C 59 9.59 -23.77 -13.57
CA SER C 59 9.14 -25.16 -13.71
C SER C 59 8.62 -25.76 -12.41
N ASP C 60 9.33 -25.45 -11.34
CA ASP C 60 9.06 -25.96 -10.01
C ASP C 60 7.75 -25.44 -9.42
N TYR C 61 7.29 -24.26 -9.84
CA TYR C 61 5.98 -23.78 -9.37
C TYR C 61 4.79 -24.11 -10.29
N ASN C 62 4.97 -24.99 -11.27
CA ASN C 62 3.86 -25.38 -12.16
C ASN C 62 3.22 -24.17 -12.86
N ILE C 63 4.01 -23.46 -13.67
CA ILE C 63 3.44 -22.33 -14.39
C ILE C 63 3.31 -22.66 -15.87
N GLN C 64 2.08 -22.97 -16.26
CA GLN C 64 1.71 -23.35 -17.62
C GLN C 64 1.78 -22.16 -18.57
N LYS C 65 1.81 -22.44 -19.87
CA LYS C 65 1.69 -21.40 -20.87
C LYS C 65 0.42 -20.53 -20.69
N GLU C 66 0.54 -19.30 -21.17
CA GLU C 66 -0.39 -18.18 -20.96
C GLU C 66 -0.67 -17.82 -19.49
N SER C 67 -0.01 -18.43 -18.49
CA SER C 67 -0.37 -18.12 -17.10
C SER C 67 0.00 -16.66 -16.76
N THR C 68 -0.61 -16.13 -15.70
CA THR C 68 -0.35 -14.75 -15.32
C THR C 68 0.30 -14.68 -13.95
N LEU C 69 1.39 -13.94 -13.84
CA LEU C 69 1.98 -13.68 -12.55
C LEU C 69 1.57 -12.28 -12.10
N HIS C 70 1.65 -12.03 -10.80
CA HIS C 70 1.39 -10.70 -10.27
C HIS C 70 2.68 -10.08 -9.76
N LEU C 71 2.95 -8.87 -10.20
CA LEU C 71 4.11 -8.12 -9.76
C LEU C 71 3.72 -7.04 -8.75
N VAL C 72 4.30 -7.14 -7.55
CA VAL C 72 4.14 -6.11 -6.51
C VAL C 72 5.48 -5.50 -6.13
N LEU C 73 5.56 -4.17 -6.08
CA LEU C 73 6.83 -3.51 -5.77
C LEU C 73 6.98 -3.17 -4.28
N ARG C 74 8.21 -3.33 -3.78
CA ARG C 74 8.54 -2.99 -2.40
C ARG C 74 8.94 -1.53 -2.30
P PO4 D . 11.97 -28.83 32.47
O1 PO4 D . 13.19 -28.00 32.13
O2 PO4 D . 11.60 -28.61 33.91
O3 PO4 D . 12.29 -30.28 32.24
O4 PO4 D . 10.82 -28.43 31.59
ZN ZN E . -14.01 15.76 12.78
P PO4 F . -15.81 2.15 18.37
O1 PO4 F . -14.86 2.43 19.51
O2 PO4 F . -15.53 3.13 17.24
O3 PO4 F . -17.23 2.33 18.84
O4 PO4 F . -15.62 0.73 17.87
#